data_8Q2V
#
_entry.id   8Q2V
#
_cell.length_a   40.020
_cell.length_b   103.860
_cell.length_c   42.210
_cell.angle_alpha   90.000
_cell.angle_beta   105.100
_cell.angle_gamma   90.000
#
_symmetry.space_group_name_H-M   'P 1 21 1'
#
loop_
_entity.id
_entity.type
_entity.pdbx_description
1 polymer 'YTH domain-containing protein 1'
2 non-polymer 2-chloranyl-~{N}-methyl-9-[(2~{S})-oxan-2-yl]purin-6-amine
3 non-polymer 'SULFATE ION'
4 water water
#
_entity_poly.entity_id   1
_entity_poly.type   'polypeptide(L)'
_entity_poly.pdbx_seq_one_letter_code
;GTSKLKYVLQDARFFLIKSNNHENVSLAKAKGVWSTLPVNEKKLNLAFRSARSVILIFSVRESGKFQGFARLSSESHHGG
SPIHWVLPAGMSAKMLGGVFKIDWICRRELPFTKSAHLTNPWNEHKPVKIGRDGQEIELECGTQLCLLFPPDESIDLYQV
IHKMRH
;
_entity_poly.pdbx_strand_id   A,B
#
loop_
_chem_comp.id
_chem_comp.type
_chem_comp.name
_chem_comp.formula
IUQ non-polymer 2-chloranyl-~{N}-methyl-9-[(2~{S})-oxan-2-yl]purin-6-amine 'C11 H14 Cl N5 O'
SO4 non-polymer 'SULFATE ION' 'O4 S -2'
#
# COMPACT_ATOMS: atom_id res chain seq x y z
N GLY A 1 -0.91 6.68 2.44
CA GLY A 1 -0.94 6.37 3.85
C GLY A 1 0.12 5.36 4.28
N THR A 2 0.09 4.98 5.56
CA THR A 2 1.03 4.02 6.11
C THR A 2 0.37 2.75 6.62
N SER A 3 -0.95 2.62 6.47
CA SER A 3 -1.66 1.49 7.07
C SER A 3 -1.29 0.18 6.40
N LYS A 4 -1.28 0.15 5.06
CA LYS A 4 -0.92 -1.09 4.38
C LYS A 4 0.54 -1.47 4.64
N LEU A 5 1.44 -0.48 4.70
CA LEU A 5 2.83 -0.79 5.04
C LEU A 5 2.94 -1.42 6.43
N LYS A 6 2.22 -0.88 7.41
CA LYS A 6 2.25 -1.46 8.75
C LYS A 6 1.74 -2.89 8.75
N TYR A 7 0.71 -3.16 7.94
CA TYR A 7 0.19 -4.52 7.81
C TYR A 7 1.24 -5.47 7.24
N VAL A 8 2.00 -5.01 6.25
CA VAL A 8 3.03 -5.87 5.66
C VAL A 8 4.15 -6.13 6.67
N LEU A 9 4.51 -5.13 7.47
CA LEU A 9 5.57 -5.26 8.47
C LEU A 9 5.13 -6.01 9.71
N GLN A 10 3.86 -6.36 9.81
CA GLN A 10 3.37 -7.10 10.97
C GLN A 10 4.09 -8.44 11.07
N ASP A 11 4.76 -8.65 12.21
CA ASP A 11 5.42 -9.92 12.52
C ASP A 11 6.44 -10.30 11.46
N ALA A 12 7.01 -9.31 10.78
CA ALA A 12 8.08 -9.57 9.83
C ALA A 12 9.41 -9.84 10.54
N ARG A 13 10.33 -10.46 9.82
CA ARG A 13 11.73 -10.47 10.18
C ARG A 13 12.47 -9.54 9.23
N PHE A 14 13.52 -8.91 9.73
CA PHE A 14 14.27 -7.89 9.01
C PHE A 14 15.74 -8.30 8.93
N PHE A 15 16.36 -8.10 7.76
CA PHE A 15 17.79 -8.36 7.59
C PHE A 15 18.45 -7.18 6.90
N LEU A 16 19.63 -6.80 7.40
CA LEU A 16 20.44 -5.77 6.76
C LEU A 16 21.19 -6.39 5.58
N ILE A 17 21.05 -5.80 4.38
CA ILE A 17 21.79 -6.24 3.20
C ILE A 17 22.78 -5.16 2.84
N LYS A 18 24.07 -5.51 2.79
CA LYS A 18 25.12 -4.56 2.44
C LYS A 18 25.68 -4.95 1.07
N SER A 19 25.63 -4.02 0.13
CA SER A 19 26.20 -4.24 -1.19
C SER A 19 27.49 -3.46 -1.33
N ASN A 20 28.46 -4.03 -2.03
CA ASN A 20 29.72 -3.32 -2.27
C ASN A 20 29.58 -2.21 -3.31
N ASN A 21 28.57 -2.26 -4.17
CA ASN A 21 28.43 -1.27 -5.23
C ASN A 21 26.96 -0.94 -5.48
N HIS A 22 26.73 0.26 -6.01
CA HIS A 22 25.40 0.71 -6.37
C HIS A 22 24.82 -0.05 -7.55
N GLU A 23 25.69 -0.53 -8.45
CA GLU A 23 25.21 -1.17 -9.68
C GLU A 23 24.33 -2.37 -9.38
N ASN A 24 24.69 -3.17 -8.38
CA ASN A 24 23.87 -4.35 -8.12
C ASN A 24 22.55 -3.97 -7.46
N VAL A 25 22.53 -2.90 -6.67
CA VAL A 25 21.27 -2.49 -6.09
C VAL A 25 20.34 -1.93 -7.16
N SER A 26 20.89 -1.18 -8.13
CA SER A 26 20.06 -0.74 -9.26
C SER A 26 19.54 -1.93 -10.04
N LEU A 27 20.39 -2.93 -10.29
CA LEU A 27 19.95 -4.14 -10.98
C LEU A 27 18.86 -4.84 -10.19
N ALA A 28 19.02 -4.89 -8.86
CA ALA A 28 18.02 -5.51 -8.00
C ALA A 28 16.69 -4.76 -8.05
N LYS A 29 16.73 -3.44 -8.14
CA LYS A 29 15.50 -2.65 -8.22
C LYS A 29 14.83 -2.81 -9.58
N ALA A 30 15.60 -3.05 -10.63
CA ALA A 30 15.06 -3.15 -11.97
C ALA A 30 14.45 -4.51 -12.23
N LYS A 31 15.03 -5.56 -11.65
CA LYS A 31 14.69 -6.93 -11.98
C LYS A 31 13.98 -7.68 -10.87
N GLY A 32 13.96 -7.15 -9.65
CA GLY A 32 13.27 -7.83 -8.56
C GLY A 32 13.98 -9.08 -8.09
N VAL A 33 15.32 -9.05 -8.03
CA VAL A 33 16.12 -10.20 -7.64
C VAL A 33 17.22 -9.77 -6.69
N TRP A 34 17.68 -10.71 -5.88
CA TRP A 34 18.87 -10.46 -5.08
C TRP A 34 19.62 -11.77 -4.90
N SER A 35 20.95 -11.66 -4.78
CA SER A 35 21.82 -12.79 -4.48
C SER A 35 22.82 -12.40 -3.40
N THR A 36 23.15 -13.35 -2.52
CA THR A 36 24.08 -13.08 -1.43
C THR A 36 25.04 -14.26 -1.29
N LEU A 37 25.97 -14.13 -0.35
CA LEU A 37 26.95 -15.17 -0.08
C LEU A 37 26.28 -16.39 0.56
N PRO A 38 26.89 -17.56 0.44
CA PRO A 38 26.24 -18.80 0.90
C PRO A 38 25.79 -18.80 2.35
N VAL A 39 26.53 -18.18 3.27
CA VAL A 39 26.14 -18.20 4.68
C VAL A 39 24.81 -17.44 4.86
N ASN A 40 24.71 -16.26 4.26
CA ASN A 40 23.46 -15.49 4.35
C ASN A 40 22.33 -16.13 3.56
N GLU A 41 22.65 -16.80 2.46
CA GLU A 41 21.62 -17.45 1.65
C GLU A 41 20.89 -18.50 2.47
N LYS A 42 21.66 -19.32 3.20
CA LYS A 42 21.04 -20.30 4.11
C LYS A 42 20.18 -19.62 5.16
N LYS A 43 20.67 -18.52 5.75
CA LYS A 43 19.88 -17.83 6.77
C LYS A 43 18.57 -17.31 6.18
N LEU A 44 18.63 -16.75 4.98
CA LEU A 44 17.42 -16.19 4.38
C LEU A 44 16.44 -17.29 3.97
N ASN A 45 16.94 -18.41 3.46
CA ASN A 45 16.05 -19.52 3.13
C ASN A 45 15.31 -20.05 4.36
N LEU A 46 16.02 -20.23 5.49
CA LEU A 46 15.36 -20.60 6.74
C LEU A 46 14.31 -19.58 7.16
N ALA A 47 14.64 -18.30 7.06
CA ALA A 47 13.72 -17.26 7.53
C ALA A 47 12.48 -17.19 6.64
N PHE A 48 12.63 -17.40 5.33
CA PHE A 48 11.49 -17.29 4.42
C PHE A 48 10.37 -18.25 4.80
N ARG A 49 10.71 -19.44 5.28
CA ARG A 49 9.70 -20.40 5.66
C ARG A 49 9.04 -20.08 7.00
N SER A 50 9.72 -19.33 7.86
CA SER A 50 9.33 -19.18 9.25
C SER A 50 8.49 -17.94 9.51
N ALA A 51 8.38 -17.02 8.56
CA ALA A 51 7.81 -15.73 8.86
C ALA A 51 6.84 -15.34 7.77
N ARG A 52 5.84 -14.53 8.14
CA ARG A 52 4.88 -14.03 7.16
C ARG A 52 5.54 -13.12 6.14
N SER A 53 6.56 -12.36 6.55
CA SER A 53 7.28 -11.47 5.66
C SER A 53 8.74 -11.45 6.09
N VAL A 54 9.66 -11.62 5.14
CA VAL A 54 11.08 -11.36 5.37
C VAL A 54 11.44 -10.09 4.61
N ILE A 55 11.96 -9.09 5.33
CA ILE A 55 12.24 -7.75 4.78
C ILE A 55 13.76 -7.57 4.70
N LEU A 56 14.25 -7.21 3.51
CA LEU A 56 15.65 -6.90 3.28
C LEU A 56 15.79 -5.39 3.22
N ILE A 57 16.66 -4.84 4.05
CA ILE A 57 16.93 -3.40 4.08
C ILE A 57 18.32 -3.18 3.50
N PHE A 58 18.41 -2.42 2.40
CA PHE A 58 19.62 -2.35 1.60
C PHE A 58 20.47 -1.14 1.97
N SER A 59 21.78 -1.34 2.06
CA SER A 59 22.71 -0.22 2.22
C SER A 59 23.97 -0.48 1.41
N VAL A 60 24.32 0.45 0.53
CA VAL A 60 25.56 0.34 -0.23
C VAL A 60 26.70 0.82 0.65
N ARG A 61 27.76 0.03 0.71
CA ARG A 61 28.90 0.36 1.55
C ARG A 61 29.49 1.71 1.13
N GLU A 62 29.76 2.56 2.13
CA GLU A 62 30.34 3.90 2.02
C GLU A 62 29.35 4.96 1.54
N SER A 63 28.08 4.64 1.35
CA SER A 63 27.14 5.63 0.86
C SER A 63 26.55 6.48 1.95
N GLY A 64 26.67 6.05 3.22
CA GLY A 64 26.04 6.77 4.31
C GLY A 64 24.53 6.78 4.30
N LYS A 65 23.90 5.86 3.55
CA LYS A 65 22.44 5.83 3.45
C LYS A 65 21.97 4.39 3.27
N PHE A 66 20.67 4.21 3.50
CA PHE A 66 19.95 3.03 3.02
C PHE A 66 19.31 3.36 1.69
N GLN A 67 19.26 2.38 0.77
CA GLN A 67 18.71 2.63 -0.55
C GLN A 67 17.29 2.09 -0.75
N GLY A 68 16.72 1.44 0.24
CA GLY A 68 15.32 1.06 0.16
C GLY A 68 15.13 -0.25 0.88
N PHE A 69 13.94 -0.84 0.72
CA PHE A 69 13.74 -2.17 1.31
C PHE A 69 12.70 -2.95 0.53
N ALA A 70 12.78 -4.29 0.67
CA ALA A 70 12.01 -5.19 -0.18
C ALA A 70 11.57 -6.38 0.65
N ARG A 71 10.57 -7.09 0.14
CA ARG A 71 10.10 -8.32 0.77
C ARG A 71 10.56 -9.54 -0.06
N LEU A 72 11.10 -10.56 0.61
CA LEU A 72 11.37 -11.82 -0.08
C LEU A 72 10.07 -12.44 -0.59
N SER A 73 10.06 -12.83 -1.87
CA SER A 73 8.89 -13.53 -2.40
C SER A 73 9.21 -14.98 -2.76
N SER A 74 10.43 -15.43 -2.56
CA SER A 74 10.80 -16.81 -2.87
C SER A 74 12.05 -17.19 -2.09
N GLU A 75 12.25 -18.50 -1.93
CA GLU A 75 13.57 -18.99 -1.55
C GLU A 75 14.55 -18.85 -2.73
N SER A 76 15.84 -19.01 -2.46
CA SER A 76 16.81 -18.91 -3.53
C SER A 76 16.67 -20.08 -4.50
N HIS A 77 16.98 -19.82 -5.77
CA HIS A 77 16.82 -20.82 -6.82
C HIS A 77 17.98 -20.70 -7.81
N HIS A 78 18.50 -21.85 -8.24
CA HIS A 78 19.65 -21.90 -9.11
C HIS A 78 19.22 -22.16 -10.55
N GLY A 79 20.14 -21.88 -11.47
CA GLY A 79 19.74 -21.81 -12.86
C GLY A 79 18.96 -20.52 -13.10
N GLY A 80 18.09 -20.56 -14.10
CA GLY A 80 17.31 -19.40 -14.45
C GLY A 80 18.17 -18.32 -15.07
N SER A 81 17.51 -17.21 -15.43
CA SER A 81 18.16 -16.10 -16.10
C SER A 81 19.42 -15.68 -15.34
N PRO A 82 20.59 -15.61 -16.01
CA PRO A 82 21.84 -15.26 -15.32
C PRO A 82 21.90 -13.75 -15.07
N ILE A 83 21.95 -13.38 -13.80
CA ILE A 83 22.01 -11.97 -13.44
C ILE A 83 23.44 -11.46 -13.62
N HIS A 84 23.59 -10.33 -14.30
CA HIS A 84 24.91 -9.79 -14.60
C HIS A 84 25.39 -8.87 -13.47
N TRP A 85 25.55 -9.45 -12.29
CA TRP A 85 26.09 -8.72 -11.16
C TRP A 85 27.48 -8.19 -11.49
N VAL A 86 27.80 -7.03 -10.92
CA VAL A 86 29.17 -6.53 -10.93
C VAL A 86 29.86 -7.11 -9.71
N LEU A 87 30.89 -7.92 -9.95
CA LEU A 87 31.41 -8.73 -8.87
C LEU A 87 32.54 -8.00 -8.15
N PRO A 88 32.53 -8.03 -6.81
CA PRO A 88 33.62 -7.43 -6.03
C PRO A 88 34.96 -8.12 -6.28
N ALA A 89 36.01 -7.58 -5.67
CA ALA A 89 37.35 -8.17 -5.77
C ALA A 89 37.34 -9.58 -5.20
N GLY A 90 37.26 -10.57 -6.10
CA GLY A 90 37.23 -11.96 -5.67
C GLY A 90 35.86 -12.41 -5.19
N MET A 91 34.85 -12.31 -6.07
CA MET A 91 33.49 -12.77 -5.75
C MET A 91 32.91 -13.34 -7.04
N SER A 92 33.29 -14.58 -7.35
CA SER A 92 32.83 -15.23 -8.57
C SER A 92 31.30 -15.34 -8.60
N ALA A 93 30.76 -15.45 -9.81
CA ALA A 93 29.32 -15.68 -9.95
C ALA A 93 28.88 -16.94 -9.26
N LYS A 94 29.81 -17.86 -8.98
CA LYS A 94 29.45 -19.09 -8.28
C LYS A 94 29.06 -18.81 -6.83
N MET A 95 29.73 -17.84 -6.20
CA MET A 95 29.42 -17.46 -4.83
C MET A 95 28.14 -16.65 -4.71
N LEU A 96 27.52 -16.28 -5.83
CA LEU A 96 26.26 -15.55 -5.89
C LEU A 96 25.26 -16.27 -6.77
N GLY A 97 25.32 -17.61 -6.80
CA GLY A 97 24.51 -18.36 -7.74
C GLY A 97 23.04 -18.43 -7.39
N GLY A 98 22.70 -18.42 -6.10
CA GLY A 98 21.31 -18.49 -5.68
C GLY A 98 20.62 -17.14 -5.85
N VAL A 99 19.47 -17.14 -6.53
CA VAL A 99 18.73 -15.92 -6.81
C VAL A 99 17.42 -15.98 -6.03
N PHE A 100 17.20 -14.96 -5.20
CA PHE A 100 15.92 -14.72 -4.54
C PHE A 100 15.10 -13.72 -5.36
N LYS A 101 13.81 -14.00 -5.52
CA LYS A 101 12.89 -12.99 -6.02
C LYS A 101 12.43 -12.10 -4.88
N ILE A 102 12.33 -10.78 -5.16
CA ILE A 102 11.93 -9.81 -4.15
C ILE A 102 10.92 -8.84 -4.74
N ASP A 103 10.02 -8.33 -3.89
CA ASP A 103 9.08 -7.27 -4.23
C ASP A 103 9.47 -6.03 -3.46
N TRP A 104 9.77 -4.96 -4.17
CA TRP A 104 10.21 -3.74 -3.52
C TRP A 104 9.05 -3.08 -2.78
N ILE A 105 9.33 -2.62 -1.57
CA ILE A 105 8.31 -1.90 -0.82
C ILE A 105 8.61 -0.41 -0.88
N CYS A 106 9.89 -0.06 -0.88
CA CYS A 106 10.30 1.34 -0.97
C CYS A 106 11.63 1.40 -1.71
N ARG A 107 11.70 2.20 -2.78
CA ARG A 107 12.94 2.38 -3.52
C ARG A 107 13.59 3.71 -3.23
N ARG A 108 13.10 4.44 -2.23
CA ARG A 108 13.65 5.72 -1.79
C ARG A 108 14.80 5.52 -0.80
N GLU A 109 15.69 6.51 -0.75
CA GLU A 109 16.84 6.53 0.14
C GLU A 109 16.46 7.01 1.55
N LEU A 110 17.23 6.57 2.55
CA LEU A 110 17.16 7.13 3.89
C LEU A 110 18.58 7.37 4.39
N PRO A 111 19.00 8.61 4.68
CA PRO A 111 20.36 8.81 5.21
C PRO A 111 20.50 8.31 6.64
N PHE A 112 21.70 7.81 6.95
CA PHE A 112 22.01 7.26 8.28
C PHE A 112 21.74 8.26 9.40
N THR A 113 21.90 9.56 9.12
CA THR A 113 21.66 10.56 10.15
C THR A 113 20.24 10.50 10.68
N LYS A 114 19.27 10.11 9.85
CA LYS A 114 17.88 10.05 10.29
C LYS A 114 17.54 8.81 11.12
N SER A 115 18.45 7.83 11.24
CA SER A 115 18.19 6.62 12.01
C SER A 115 19.07 6.50 13.24
N ALA A 116 19.76 7.58 13.60
CA ALA A 116 20.71 7.54 14.71
C ALA A 116 20.04 7.22 16.04
N HIS A 117 18.72 7.37 16.14
CA HIS A 117 18.00 7.08 17.38
C HIS A 117 17.56 5.63 17.49
N LEU A 118 17.87 4.79 16.52
CA LEU A 118 17.46 3.39 16.50
C LEU A 118 18.65 2.47 16.72
N THR A 119 18.54 1.56 17.68
CA THR A 119 19.60 0.63 18.00
C THR A 119 19.06 -0.79 17.86
N ASN A 120 19.96 -1.71 17.55
CA ASN A 120 19.58 -3.08 17.23
C ASN A 120 19.95 -4.00 18.38
N PRO A 121 19.00 -4.54 19.12
CA PRO A 121 19.36 -5.47 20.22
C PRO A 121 20.18 -6.65 19.75
N TRP A 122 20.01 -7.10 18.50
CA TRP A 122 20.76 -8.26 18.05
C TRP A 122 22.16 -7.91 17.58
N ASN A 123 22.56 -6.64 17.61
CA ASN A 123 23.95 -6.23 17.39
C ASN A 123 24.40 -5.32 18.53
N GLU A 124 24.26 -5.82 19.76
CA GLU A 124 24.80 -5.15 20.95
C GLU A 124 24.29 -3.71 21.10
N HIS A 125 23.06 -3.47 20.64
CA HIS A 125 22.41 -2.16 20.69
C HIS A 125 23.27 -1.08 20.05
N LYS A 126 24.08 -1.46 19.07
CA LYS A 126 24.71 -0.47 18.22
C LYS A 126 23.67 0.16 17.31
N PRO A 127 23.94 1.36 16.80
CA PRO A 127 23.02 1.97 15.83
C PRO A 127 22.75 1.02 14.67
N VAL A 128 21.50 1.06 14.18
CA VAL A 128 21.06 0.05 13.22
C VAL A 128 21.84 0.14 11.91
N LYS A 129 22.39 1.31 11.57
CA LYS A 129 23.24 1.41 10.39
C LYS A 129 24.48 0.52 10.48
N ILE A 130 24.90 0.16 11.69
CA ILE A 130 26.10 -0.66 11.88
C ILE A 130 25.72 -2.13 11.81
N GLY A 131 26.49 -2.89 11.05
CA GLY A 131 26.24 -4.32 10.97
C GLY A 131 26.81 -4.90 9.70
N ARG A 132 27.12 -6.20 9.74
CA ARG A 132 27.61 -6.90 8.58
C ARG A 132 26.45 -7.30 7.69
N ASP A 133 26.77 -7.58 6.42
CA ASP A 133 25.80 -8.11 5.50
C ASP A 133 25.11 -9.31 6.14
N GLY A 134 23.79 -9.33 6.10
CA GLY A 134 23.00 -10.43 6.66
C GLY A 134 22.58 -10.26 8.11
N GLN A 135 23.06 -9.24 8.81
CA GLN A 135 22.70 -9.02 10.21
C GLN A 135 21.19 -8.93 10.39
N GLU A 136 20.64 -9.75 11.28
CA GLU A 136 19.23 -9.63 11.58
C GLU A 136 18.94 -8.42 12.46
N ILE A 137 17.85 -7.73 12.17
CA ILE A 137 17.38 -6.59 12.94
C ILE A 137 16.13 -6.98 13.70
N GLU A 138 16.12 -6.69 15.00
CA GLU A 138 15.00 -7.03 15.86
C GLU A 138 13.70 -6.35 15.40
N LEU A 139 12.56 -7.02 15.69
CA LEU A 139 11.25 -6.61 15.17
C LEU A 139 10.96 -5.13 15.37
N GLU A 140 11.13 -4.64 16.61
CA GLU A 140 10.70 -3.28 16.92
C GLU A 140 11.60 -2.25 16.23
N CYS A 141 12.92 -2.45 16.28
CA CYS A 141 13.87 -1.58 15.58
C CYS A 141 13.60 -1.58 14.07
N GLY A 142 13.40 -2.77 13.51
CA GLY A 142 13.23 -2.87 12.07
C GLY A 142 11.95 -2.20 11.60
N THR A 143 10.85 -2.38 12.33
CA THR A 143 9.59 -1.73 11.98
C THR A 143 9.75 -0.22 11.97
N GLN A 144 10.41 0.33 13.00
CA GLN A 144 10.55 1.79 13.09
C GLN A 144 11.49 2.33 12.02
N LEU A 145 12.54 1.57 11.68
CA LEU A 145 13.42 1.94 10.57
C LEU A 145 12.64 2.02 9.26
N CYS A 146 11.84 1.01 8.97
CA CYS A 146 11.08 1.03 7.72
C CYS A 146 10.09 2.18 7.67
N LEU A 147 9.50 2.54 8.81
CA LEU A 147 8.59 3.67 8.85
C LEU A 147 9.30 5.01 8.67
N LEU A 148 10.62 5.04 8.84
CA LEU A 148 11.37 6.29 8.68
C LEU A 148 11.51 6.70 7.22
N PHE A 149 11.46 5.74 6.30
CA PHE A 149 11.71 6.01 4.89
C PHE A 149 10.61 6.94 4.34
N PRO A 150 10.95 7.79 3.37
CA PRO A 150 9.91 8.53 2.68
C PRO A 150 8.94 7.58 2.01
N PRO A 151 7.66 7.95 1.93
CA PRO A 151 6.71 7.13 1.17
C PRO A 151 7.16 7.01 -0.29
N ASP A 152 6.99 5.81 -0.85
CA ASP A 152 7.25 5.54 -2.27
C ASP A 152 5.88 5.40 -2.91
N GLU A 153 5.37 6.52 -3.45
CA GLU A 153 4.02 6.55 -3.99
C GLU A 153 3.90 5.86 -5.34
N SER A 154 4.98 5.32 -5.90
CA SER A 154 4.91 4.52 -7.12
C SER A 154 4.63 3.05 -6.86
N ILE A 155 4.57 2.62 -5.61
CA ILE A 155 4.39 1.22 -5.27
C ILE A 155 3.01 1.03 -4.66
N ASP A 156 2.29 0.01 -5.14
CA ASP A 156 0.98 -0.35 -4.62
C ASP A 156 1.14 -1.64 -3.83
N LEU A 157 0.96 -1.57 -2.51
CA LEU A 157 1.19 -2.71 -1.63
C LEU A 157 0.07 -3.75 -1.70
N TYR A 158 -0.97 -3.53 -2.49
CA TYR A 158 -2.06 -4.49 -2.62
C TYR A 158 -1.55 -5.84 -3.10
N GLN A 159 -0.70 -5.86 -4.13
CA GLN A 159 -0.23 -7.14 -4.64
C GLN A 159 0.69 -7.84 -3.65
N VAL A 160 1.49 -7.05 -2.92
CA VAL A 160 2.35 -7.63 -1.90
C VAL A 160 1.54 -8.31 -0.81
N ILE A 161 0.45 -7.67 -0.38
CA ILE A 161 -0.36 -8.23 0.70
C ILE A 161 -0.97 -9.58 0.32
N HIS A 162 -1.32 -9.76 -0.95
CA HIS A 162 -1.92 -11.01 -1.38
C HIS A 162 -0.94 -12.18 -1.33
N LYS A 163 0.37 -11.92 -1.33
CA LYS A 163 1.34 -13.00 -1.31
C LYS A 163 1.62 -13.51 0.09
N MET A 164 1.25 -12.75 1.12
CA MET A 164 1.36 -13.21 2.49
C MET A 164 0.36 -14.35 2.73
N GLY B 1 -31.89 -10.70 -2.49
CA GLY B 1 -31.93 -9.57 -3.41
C GLY B 1 -30.55 -8.98 -3.67
N THR B 2 -29.52 -9.71 -3.27
CA THR B 2 -28.15 -9.21 -3.28
C THR B 2 -27.30 -9.77 -4.41
N SER B 3 -27.87 -10.58 -5.33
CA SER B 3 -27.05 -11.18 -6.37
C SER B 3 -26.33 -10.13 -7.21
N LYS B 4 -27.04 -9.09 -7.62
CA LYS B 4 -26.44 -8.07 -8.46
C LYS B 4 -25.34 -7.32 -7.74
N LEU B 5 -25.61 -6.90 -6.50
CA LEU B 5 -24.58 -6.18 -5.75
C LEU B 5 -23.37 -7.06 -5.50
N LYS B 6 -23.58 -8.32 -5.12
CA LYS B 6 -22.45 -9.22 -4.90
C LYS B 6 -21.62 -9.39 -6.16
N TYR B 7 -22.26 -9.34 -7.34
CA TYR B 7 -21.50 -9.44 -8.58
C TYR B 7 -20.62 -8.21 -8.77
N VAL B 8 -21.16 -7.03 -8.49
CA VAL B 8 -20.40 -5.78 -8.60
C VAL B 8 -19.21 -5.79 -7.65
N LEU B 9 -19.38 -6.36 -6.47
CA LEU B 9 -18.37 -6.27 -5.43
C LEU B 9 -17.34 -7.39 -5.47
N GLN B 10 -17.57 -8.42 -6.29
CA GLN B 10 -16.59 -9.49 -6.39
C GLN B 10 -15.27 -8.93 -6.90
N ASP B 11 -14.19 -9.22 -6.17
CA ASP B 11 -12.85 -8.80 -6.55
C ASP B 11 -12.69 -7.28 -6.51
N ALA B 12 -13.49 -6.59 -5.70
CA ALA B 12 -13.37 -5.14 -5.64
C ALA B 12 -12.29 -4.70 -4.65
N ARG B 13 -11.81 -3.47 -4.83
CA ARG B 13 -11.04 -2.78 -3.79
C ARG B 13 -11.92 -1.66 -3.21
N PHE B 14 -11.68 -1.36 -1.93
CA PHE B 14 -12.55 -0.47 -1.17
C PHE B 14 -11.72 0.63 -0.53
N PHE B 15 -12.17 1.88 -0.64
CA PHE B 15 -11.50 3.02 -0.02
C PHE B 15 -12.49 3.88 0.74
N LEU B 16 -12.12 4.24 1.97
CA LEU B 16 -12.87 5.21 2.74
C LEU B 16 -12.61 6.62 2.21
N ILE B 17 -13.66 7.40 2.01
CA ILE B 17 -13.57 8.79 1.55
C ILE B 17 -14.15 9.66 2.66
N LYS B 18 -13.35 10.61 3.17
CA LYS B 18 -13.80 11.47 4.26
C LYS B 18 -13.83 12.91 3.76
N SER B 19 -15.02 13.45 3.58
CA SER B 19 -15.19 14.84 3.18
C SER B 19 -15.26 15.73 4.40
N ASN B 20 -14.71 16.94 4.29
CA ASN B 20 -14.86 17.84 5.42
C ASN B 20 -16.24 18.47 5.50
N ASN B 21 -17.03 18.46 4.41
CA ASN B 21 -18.33 19.11 4.43
C ASN B 21 -19.37 18.25 3.73
N HIS B 22 -20.64 18.45 4.10
CA HIS B 22 -21.76 17.79 3.45
C HIS B 22 -22.00 18.33 2.06
N GLU B 23 -21.64 19.59 1.80
CA GLU B 23 -21.96 20.22 0.52
C GLU B 23 -21.32 19.49 -0.64
N ASN B 24 -20.04 19.11 -0.51
CA ASN B 24 -19.39 18.43 -1.62
C ASN B 24 -19.94 17.03 -1.85
N VAL B 25 -20.41 16.35 -0.80
CA VAL B 25 -21.03 15.05 -1.01
C VAL B 25 -22.38 15.21 -1.72
N SER B 26 -23.14 16.25 -1.37
CA SER B 26 -24.40 16.49 -2.08
CA SER B 26 -24.40 16.51 -2.08
C SER B 26 -24.14 16.80 -3.55
N LEU B 27 -23.15 17.64 -3.84
CA LEU B 27 -22.76 17.88 -5.23
C LEU B 27 -22.40 16.57 -5.93
N ALA B 28 -21.56 15.76 -5.28
CA ALA B 28 -21.05 14.51 -5.85
C ALA B 28 -22.17 13.53 -6.13
N LYS B 29 -23.14 13.46 -5.23
CA LYS B 29 -24.25 12.52 -5.39
C LYS B 29 -25.10 12.89 -6.60
N ALA B 30 -25.23 14.19 -6.86
CA ALA B 30 -26.10 14.62 -7.95
C ALA B 30 -25.40 14.48 -9.30
N LYS B 31 -24.10 14.76 -9.33
CA LYS B 31 -23.34 14.92 -10.56
C LYS B 31 -22.50 13.70 -10.92
N GLY B 32 -22.26 12.79 -9.98
CA GLY B 32 -21.47 11.62 -10.28
C GLY B 32 -20.00 11.89 -10.48
N VAL B 33 -19.39 12.71 -9.63
CA VAL B 33 -17.97 13.03 -9.71
C VAL B 33 -17.40 13.09 -8.31
N TRP B 34 -16.09 12.87 -8.23
CA TRP B 34 -15.35 13.09 -7.00
C TRP B 34 -13.93 13.54 -7.33
N SER B 35 -13.38 14.36 -6.47
CA SER B 35 -11.96 14.70 -6.48
C SER B 35 -11.39 14.54 -5.08
N THR B 36 -10.10 14.23 -5.01
CA THR B 36 -9.42 14.04 -3.73
C THR B 36 -8.02 14.63 -3.80
N LEU B 37 -7.29 14.50 -2.70
CA LEU B 37 -5.94 15.05 -2.61
C LEU B 37 -4.97 14.23 -3.45
N PRO B 38 -3.84 14.81 -3.86
CA PRO B 38 -2.98 14.13 -4.85
C PRO B 38 -2.44 12.78 -4.39
N VAL B 39 -2.19 12.59 -3.09
CA VAL B 39 -1.71 11.32 -2.60
C VAL B 39 -2.74 10.23 -2.84
N ASN B 40 -4.00 10.52 -2.45
CA ASN B 40 -5.09 9.59 -2.67
C ASN B 40 -5.44 9.47 -4.15
N GLU B 41 -5.31 10.56 -4.91
CA GLU B 41 -5.63 10.48 -6.33
C GLU B 41 -4.75 9.45 -7.03
N LYS B 42 -3.46 9.43 -6.68
CA LYS B 42 -2.54 8.44 -7.24
C LYS B 42 -2.95 7.03 -6.85
N LYS B 43 -3.30 6.83 -5.58
CA LYS B 43 -3.72 5.51 -5.12
C LYS B 43 -4.93 5.02 -5.89
N LEU B 44 -5.92 5.89 -6.08
CA LEU B 44 -7.14 5.47 -6.75
C LEU B 44 -6.89 5.18 -8.23
N ASN B 45 -6.03 5.97 -8.89
CA ASN B 45 -5.71 5.67 -10.28
C ASN B 45 -5.04 4.30 -10.40
N LEU B 46 -4.09 4.00 -9.51
CA LEU B 46 -3.46 2.68 -9.53
C LEU B 46 -4.50 1.58 -9.34
N ALA B 47 -5.41 1.76 -8.39
CA ALA B 47 -6.39 0.73 -8.11
C ALA B 47 -7.33 0.54 -9.28
N PHE B 48 -7.68 1.64 -9.97
CA PHE B 48 -8.64 1.54 -11.06
C PHE B 48 -8.13 0.63 -12.18
N ARG B 49 -6.83 0.69 -12.48
CA ARG B 49 -6.27 -0.14 -13.54
C ARG B 49 -6.09 -1.59 -13.12
N SER B 50 -5.98 -1.87 -11.82
CA SER B 50 -5.64 -3.21 -11.37
C SER B 50 -6.85 -4.02 -10.91
N ALA B 51 -7.94 -3.38 -10.52
CA ALA B 51 -9.07 -4.06 -9.89
C ALA B 51 -10.28 -4.07 -10.81
N ARG B 52 -11.15 -5.07 -10.62
CA ARG B 52 -12.36 -5.17 -11.44
C ARG B 52 -13.34 -4.05 -11.11
N SER B 53 -13.40 -3.64 -9.84
CA SER B 53 -14.21 -2.53 -9.36
C SER B 53 -13.43 -1.82 -8.26
N VAL B 54 -13.52 -0.50 -8.22
CA VAL B 54 -12.99 0.30 -7.10
C VAL B 54 -14.16 1.04 -6.45
N ILE B 55 -14.40 0.76 -5.18
CA ILE B 55 -15.56 1.25 -4.44
C ILE B 55 -15.10 2.33 -3.48
N LEU B 56 -15.75 3.50 -3.54
CA LEU B 56 -15.56 4.59 -2.59
C LEU B 56 -16.71 4.56 -1.59
N ILE B 57 -16.40 4.50 -0.30
CA ILE B 57 -17.40 4.55 0.76
C ILE B 57 -17.24 5.88 1.50
N PHE B 58 -18.30 6.72 1.46
CA PHE B 58 -18.22 8.12 1.89
C PHE B 58 -18.63 8.30 3.35
N SER B 59 -17.87 9.12 4.06
CA SER B 59 -18.23 9.50 5.43
C SER B 59 -17.76 10.93 5.68
N VAL B 60 -18.71 11.84 5.89
CA VAL B 60 -18.39 13.23 6.17
C VAL B 60 -17.80 13.34 7.57
N ARG B 61 -16.77 14.18 7.71
CA ARG B 61 -16.11 14.37 9.00
C ARG B 61 -17.14 14.78 10.06
N GLU B 62 -17.10 14.09 11.21
CA GLU B 62 -17.93 14.33 12.38
C GLU B 62 -19.41 14.00 12.20
N SER B 63 -19.80 13.34 11.11
CA SER B 63 -21.22 13.07 10.87
C SER B 63 -21.75 11.87 11.64
N GLY B 64 -20.88 10.97 12.11
CA GLY B 64 -21.32 9.74 12.74
C GLY B 64 -21.96 8.75 11.81
N LYS B 65 -21.80 8.92 10.50
CA LYS B 65 -22.51 8.09 9.53
C LYS B 65 -21.69 7.94 8.26
N PHE B 66 -22.03 6.91 7.49
CA PHE B 66 -21.62 6.82 6.09
C PHE B 66 -22.77 7.37 5.26
N GLN B 67 -22.45 8.12 4.22
CA GLN B 67 -23.49 8.71 3.39
C GLN B 67 -23.79 7.92 2.12
N GLY B 68 -23.04 6.88 1.82
CA GLY B 68 -23.30 6.09 0.62
C GLY B 68 -22.02 5.53 0.06
N PHE B 69 -22.15 4.85 -1.07
CA PHE B 69 -20.95 4.36 -1.73
C PHE B 69 -21.15 4.31 -3.24
N ALA B 70 -20.02 4.37 -3.93
CA ALA B 70 -20.00 4.56 -5.38
C ALA B 70 -18.83 3.79 -5.96
N ARG B 71 -18.92 3.56 -7.26
CA ARG B 71 -17.91 2.81 -7.99
C ARG B 71 -17.21 3.73 -9.00
N LEU B 72 -15.88 3.74 -8.99
CA LEU B 72 -15.16 4.51 -10.00
C LEU B 72 -15.47 3.98 -11.40
N SER B 73 -15.78 4.89 -12.32
CA SER B 73 -15.93 4.49 -13.72
C SER B 73 -14.82 5.01 -14.61
N SER B 74 -13.94 5.87 -14.10
CA SER B 74 -12.82 6.40 -14.85
C SER B 74 -11.65 6.67 -13.90
N GLU B 75 -10.46 6.74 -14.47
CA GLU B 75 -9.35 7.38 -13.77
C GLU B 75 -9.62 8.87 -13.63
N SER B 76 -8.78 9.54 -12.85
CA SER B 76 -8.91 10.98 -12.74
C SER B 76 -8.55 11.64 -14.07
N HIS B 77 -9.20 12.76 -14.35
CA HIS B 77 -9.03 13.47 -15.60
C HIS B 77 -8.88 14.94 -15.26
N HIS B 78 -7.86 15.58 -15.82
CA HIS B 78 -7.66 17.02 -15.65
C HIS B 78 -8.12 17.75 -16.92
N GLY B 79 -8.54 19.00 -16.73
CA GLY B 79 -8.90 19.82 -17.87
C GLY B 79 -10.33 19.70 -18.34
N GLY B 80 -11.21 19.10 -17.55
CA GLY B 80 -12.62 19.11 -17.85
C GLY B 80 -13.25 20.41 -17.39
N SER B 81 -14.57 20.43 -17.40
CA SER B 81 -15.29 21.57 -16.84
C SER B 81 -14.99 21.65 -15.36
N PRO B 82 -14.52 22.81 -14.87
CA PRO B 82 -14.25 22.93 -13.42
C PRO B 82 -15.45 22.54 -12.57
N ILE B 83 -15.28 21.49 -11.77
CA ILE B 83 -16.23 21.25 -10.71
C ILE B 83 -16.01 22.31 -9.64
N HIS B 84 -17.08 22.97 -9.23
CA HIS B 84 -16.95 24.06 -8.29
C HIS B 84 -17.22 23.54 -6.87
N TRP B 85 -16.26 22.74 -6.41
CA TRP B 85 -16.30 22.26 -5.04
C TRP B 85 -16.32 23.42 -4.05
N VAL B 86 -16.91 23.17 -2.88
CA VAL B 86 -16.75 24.07 -1.74
C VAL B 86 -15.44 23.70 -1.04
N LEU B 87 -14.43 24.59 -1.16
CA LEU B 87 -13.05 24.30 -0.76
C LEU B 87 -12.86 24.58 0.73
N PRO B 88 -12.32 23.63 1.48
CA PRO B 88 -11.95 23.89 2.87
C PRO B 88 -10.86 24.96 2.94
N ALA B 89 -10.79 25.62 4.09
CA ALA B 89 -9.77 26.65 4.29
C ALA B 89 -8.38 26.04 4.13
N GLY B 90 -7.54 26.71 3.33
CA GLY B 90 -6.22 26.21 3.05
C GLY B 90 -6.13 25.23 1.90
N MET B 91 -7.17 25.10 1.08
CA MET B 91 -7.15 24.22 -0.08
C MET B 91 -7.48 25.03 -1.33
N SER B 92 -6.68 24.85 -2.36
CA SER B 92 -6.93 25.47 -3.66
C SER B 92 -7.54 24.45 -4.61
N ALA B 93 -8.20 24.97 -5.65
CA ALA B 93 -8.82 24.11 -6.64
C ALA B 93 -7.82 23.14 -7.26
N LYS B 94 -6.60 23.62 -7.54
CA LYS B 94 -5.59 22.75 -8.14
C LYS B 94 -5.25 21.56 -7.24
N MET B 95 -5.37 21.72 -5.91
CA MET B 95 -5.14 20.58 -5.03
C MET B 95 -6.20 19.50 -5.23
N LEU B 96 -7.39 19.88 -5.72
CA LEU B 96 -8.47 18.94 -6.04
C LEU B 96 -8.71 18.83 -7.54
N GLY B 97 -7.65 18.96 -8.34
CA GLY B 97 -7.82 19.19 -9.76
C GLY B 97 -8.33 17.99 -10.54
N GLY B 98 -7.90 16.78 -10.17
CA GLY B 98 -8.31 15.61 -10.91
C GLY B 98 -9.75 15.24 -10.58
N VAL B 99 -10.52 14.91 -11.62
CA VAL B 99 -11.94 14.58 -11.46
C VAL B 99 -12.17 13.13 -11.87
N PHE B 100 -12.64 12.32 -10.92
CA PHE B 100 -13.07 10.97 -11.17
C PHE B 100 -14.56 10.97 -11.48
N LYS B 101 -14.96 10.24 -12.50
CA LYS B 101 -16.37 9.93 -12.70
C LYS B 101 -16.72 8.74 -11.81
N ILE B 102 -17.88 8.82 -11.14
CA ILE B 102 -18.29 7.74 -10.25
C ILE B 102 -19.75 7.42 -10.53
N ASP B 103 -20.11 6.15 -10.31
CA ASP B 103 -21.49 5.68 -10.39
C ASP B 103 -21.92 5.29 -8.99
N TRP B 104 -22.91 6.00 -8.43
CA TRP B 104 -23.40 5.68 -7.10
C TRP B 104 -24.13 4.35 -7.09
N ILE B 105 -23.88 3.57 -6.05
CA ILE B 105 -24.59 2.31 -5.83
C ILE B 105 -25.62 2.47 -4.72
N CYS B 106 -25.33 3.31 -3.73
CA CYS B 106 -26.26 3.63 -2.65
C CYS B 106 -26.01 5.08 -2.22
N ARG B 107 -27.07 5.88 -2.16
CA ARG B 107 -26.94 7.23 -1.63
C ARG B 107 -27.65 7.40 -0.30
N ARG B 108 -28.08 6.30 0.31
CA ARG B 108 -28.70 6.39 1.62
C ARG B 108 -27.67 6.24 2.72
N GLU B 109 -28.02 6.77 3.88
CA GLU B 109 -27.10 6.80 5.02
C GLU B 109 -27.05 5.46 5.74
N LEU B 110 -25.91 5.20 6.36
CA LEU B 110 -25.74 4.08 7.28
C LEU B 110 -25.05 4.60 8.54
N PRO B 111 -25.74 4.62 9.68
CA PRO B 111 -25.11 5.10 10.92
C PRO B 111 -24.01 4.16 11.40
N PHE B 112 -22.99 4.74 12.05
CA PHE B 112 -21.88 3.95 12.54
C PHE B 112 -22.33 2.84 13.47
N THR B 113 -23.49 3.02 14.12
CA THR B 113 -23.96 2.02 15.07
C THR B 113 -24.33 0.71 14.39
N LYS B 114 -24.66 0.73 13.10
CA LYS B 114 -24.99 -0.49 12.40
C LYS B 114 -23.77 -1.22 11.85
N SER B 115 -22.60 -0.61 11.93
CA SER B 115 -21.35 -1.19 11.44
C SER B 115 -20.37 -1.49 12.57
N ALA B 116 -20.83 -1.44 13.82
CA ALA B 116 -19.95 -1.57 14.97
C ALA B 116 -19.27 -2.94 15.07
N HIS B 117 -19.80 -3.97 14.41
CA HIS B 117 -19.24 -5.32 14.50
C HIS B 117 -18.14 -5.59 13.48
N LEU B 118 -17.84 -4.65 12.58
CA LEU B 118 -16.92 -4.90 11.47
C LEU B 118 -15.61 -4.18 11.72
N THR B 119 -14.50 -4.91 11.63
CA THR B 119 -13.18 -4.32 11.79
C THR B 119 -12.36 -4.54 10.52
N ASN B 120 -11.44 -3.62 10.26
CA ASN B 120 -10.63 -3.66 9.05
C ASN B 120 -9.25 -4.20 9.36
N PRO B 121 -8.89 -5.40 8.89
CA PRO B 121 -7.55 -5.94 9.16
C PRO B 121 -6.43 -5.04 8.66
N TRP B 122 -6.67 -4.24 7.62
CA TRP B 122 -5.66 -3.39 7.05
C TRP B 122 -5.53 -2.05 7.78
N ASN B 123 -6.28 -1.86 8.86
CA ASN B 123 -6.12 -0.72 9.76
C ASN B 123 -6.06 -1.21 11.20
N GLU B 124 -5.20 -2.22 11.43
CA GLU B 124 -4.92 -2.79 12.75
C GLU B 124 -6.17 -3.38 13.41
N HIS B 125 -7.12 -3.85 12.60
CA HIS B 125 -8.35 -4.49 13.08
C HIS B 125 -9.18 -3.53 13.93
N LYS B 126 -9.07 -2.22 13.65
CA LYS B 126 -9.92 -1.20 14.23
C LYS B 126 -11.30 -1.21 13.56
N PRO B 127 -12.35 -0.82 14.29
CA PRO B 127 -13.68 -0.77 13.68
C PRO B 127 -13.65 0.06 12.40
N VAL B 128 -14.48 -0.34 11.44
CA VAL B 128 -14.37 0.20 10.09
C VAL B 128 -14.72 1.68 10.05
N LYS B 129 -15.52 2.18 11.01
CA LYS B 129 -15.81 3.61 11.07
C LYS B 129 -14.56 4.45 11.34
N ILE B 130 -13.48 3.84 11.83
CA ILE B 130 -12.24 4.57 12.11
C ILE B 130 -11.34 4.53 10.88
N GLY B 131 -10.90 5.69 10.42
CA GLY B 131 -9.97 5.73 9.31
C GLY B 131 -9.79 7.12 8.73
N ARG B 132 -8.66 7.35 8.06
CA ARG B 132 -8.36 8.60 7.38
C ARG B 132 -8.93 8.58 5.98
N ASP B 133 -9.06 9.77 5.40
CA ASP B 133 -9.44 9.87 3.98
C ASP B 133 -8.46 9.05 3.16
N GLY B 134 -9.00 8.14 2.33
CA GLY B 134 -8.20 7.24 1.53
C GLY B 134 -7.83 5.91 2.15
N GLN B 135 -8.22 5.64 3.39
CA GLN B 135 -7.84 4.38 4.04
C GLN B 135 -8.40 3.21 3.23
N GLU B 136 -7.55 2.26 2.86
CA GLU B 136 -8.09 1.12 2.11
C GLU B 136 -8.71 0.12 3.07
N ILE B 137 -9.82 -0.49 2.67
CA ILE B 137 -10.54 -1.46 3.49
C ILE B 137 -10.40 -2.84 2.85
N GLU B 138 -10.02 -3.85 3.65
CA GLU B 138 -9.82 -5.20 3.15
C GLU B 138 -11.12 -5.73 2.52
N LEU B 139 -10.96 -6.63 1.53
CA LEU B 139 -12.07 -7.09 0.68
C LEU B 139 -13.28 -7.57 1.48
N GLU B 140 -13.07 -8.48 2.44
CA GLU B 140 -14.24 -9.06 3.08
C GLU B 140 -14.92 -8.06 4.01
N CYS B 141 -14.13 -7.22 4.70
CA CYS B 141 -14.72 -6.17 5.51
C CYS B 141 -15.49 -5.18 4.64
N GLY B 142 -14.90 -4.80 3.50
CA GLY B 142 -15.56 -3.84 2.63
C GLY B 142 -16.83 -4.39 2.03
N THR B 143 -16.83 -5.68 1.70
CA THR B 143 -18.02 -6.31 1.14
C THR B 143 -19.14 -6.34 2.17
N GLN B 144 -18.84 -6.79 3.39
CA GLN B 144 -19.87 -6.79 4.43
C GLN B 144 -20.38 -5.39 4.73
N LEU B 145 -19.50 -4.37 4.74
CA LEU B 145 -19.94 -3.00 4.98
C LEU B 145 -20.93 -2.54 3.91
N CYS B 146 -20.63 -2.80 2.63
CA CYS B 146 -21.53 -2.36 1.57
C CYS B 146 -22.86 -3.07 1.65
N LEU B 147 -22.89 -4.32 2.13
CA LEU B 147 -24.13 -5.05 2.23
C LEU B 147 -25.01 -4.56 3.38
N LEU B 148 -24.45 -3.81 4.33
CA LEU B 148 -25.24 -3.22 5.42
C LEU B 148 -26.14 -2.08 4.94
N PHE B 149 -25.78 -1.40 3.86
CA PHE B 149 -26.56 -0.25 3.41
C PHE B 149 -27.96 -0.68 2.97
N PRO B 150 -28.97 0.16 3.19
CA PRO B 150 -30.34 -0.19 2.77
C PRO B 150 -30.49 -0.07 1.26
N PRO B 151 -31.43 -0.79 0.67
CA PRO B 151 -31.65 -0.64 -0.78
C PRO B 151 -32.03 0.78 -1.15
N ASP B 152 -31.47 1.25 -2.26
CA ASP B 152 -31.72 2.59 -2.75
C ASP B 152 -32.59 2.52 -4.01
N GLU B 153 -33.86 2.91 -3.88
CA GLU B 153 -34.80 2.85 -4.99
C GLU B 153 -34.54 3.92 -6.05
N SER B 154 -33.65 4.87 -5.81
CA SER B 154 -33.34 5.82 -6.87
C SER B 154 -32.25 5.30 -7.80
N ILE B 155 -31.64 4.17 -7.47
CA ILE B 155 -30.47 3.66 -8.18
C ILE B 155 -30.86 2.46 -9.02
N ASP B 156 -30.34 2.44 -10.25
CA ASP B 156 -30.42 1.30 -11.16
C ASP B 156 -29.01 0.78 -11.41
N LEU B 157 -28.74 -0.45 -10.97
CA LEU B 157 -27.41 -1.04 -11.14
C LEU B 157 -27.10 -1.48 -12.57
N TYR B 158 -28.07 -1.36 -13.49
CA TYR B 158 -27.88 -1.87 -14.84
C TYR B 158 -26.69 -1.21 -15.54
N GLN B 159 -26.55 0.12 -15.42
CA GLN B 159 -25.45 0.81 -16.08
C GLN B 159 -24.10 0.31 -15.59
N VAL B 160 -23.97 0.06 -14.29
CA VAL B 160 -22.70 -0.41 -13.75
C VAL B 160 -22.39 -1.81 -14.26
N ILE B 161 -23.36 -2.71 -14.19
CA ILE B 161 -23.12 -4.08 -14.60
C ILE B 161 -22.68 -4.13 -16.05
N HIS B 162 -23.16 -3.21 -16.89
CA HIS B 162 -22.73 -3.17 -18.28
C HIS B 162 -21.32 -2.64 -18.43
N LYS B 163 -20.87 -1.77 -17.50
CA LYS B 163 -19.50 -1.28 -17.53
C LYS B 163 -18.48 -2.33 -17.12
N MET B 164 -18.93 -3.50 -16.66
CA MET B 164 -18.02 -4.55 -16.24
C MET B 164 -17.99 -5.67 -17.26
C10 IUQ C . 31.34 -9.06 0.77
C13 IUQ C . 28.89 -7.60 1.24
C01 IUQ C . 24.37 -9.17 -5.81
C03 IUQ C . 25.98 -8.61 -3.86
C04 IUQ C . 26.50 -8.98 -2.57
C06 IUQ C . 26.87 -9.90 -0.59
C08 IUQ C . 29.01 -8.82 0.32
C11 IUQ C . 31.32 -7.94 1.83
C12 IUQ C . 29.90 -7.73 2.36
C14 IUQ C . 27.69 -8.36 -2.06
C16 IUQ C . 27.79 -7.12 -3.98
N02 IUQ C . 24.83 -9.18 -4.40
N05 IUQ C . 26.03 -9.92 -1.65
N07 IUQ C . 27.92 -8.96 -0.77
N15 IUQ C . 28.38 -7.38 -2.78
N18 IUQ C . 26.67 -7.62 -4.57
O09 IUQ C . 30.34 -8.86 -0.21
CL17 IUQ C . 28.68 -5.83 -4.97
S SO4 D . -3.22 2.95 3.00
O1 SO4 D . -4.51 2.28 2.84
O2 SO4 D . -2.23 2.10 3.67
O3 SO4 D . -3.43 4.14 3.82
O4 SO4 D . -2.67 3.34 1.70
S SO4 E . 22.40 -12.50 13.85
O1 SO4 E . 22.05 -13.92 13.91
O2 SO4 E . 23.84 -12.32 14.06
O3 SO4 E . 22.02 -11.97 12.55
O4 SO4 E . 21.65 -11.82 14.91
C10 IUQ F . -8.48 17.45 4.18
C13 IUQ F . -10.15 15.05 3.94
C01 IUQ F . -14.23 17.19 -3.29
C03 IUQ F . -13.20 16.81 -0.95
C04 IUQ F . -12.07 16.28 -0.22
C06 IUQ F . -10.22 15.23 0.41
C08 IUQ F . -9.79 15.97 2.79
C11 IUQ F . -8.66 16.52 5.38
C12 IUQ F . -9.00 15.10 4.94
C14 IUQ F . -11.83 16.67 1.13
C16 IUQ F . -13.71 17.97 1.02
N02 IUQ F . -13.44 16.46 -2.25
N05 IUQ F . -11.06 15.38 -0.63
N07 IUQ F . -10.65 15.97 1.54
N15 IUQ F . -12.69 17.54 1.79
N18 IUQ F . -14.05 17.70 -0.28
O09 IUQ F . -9.58 17.31 3.26
CL17 IUQ F . -14.82 19.12 1.84
S SO4 G . -31.70 8.21 3.69
O1 SO4 G . -31.91 6.78 3.91
O2 SO4 G . -32.06 8.54 2.30
O3 SO4 G . -30.29 8.55 3.91
O4 SO4 G . -32.55 9.00 4.58
S SO4 H . -5.02 13.39 -17.46
O1 SO4 H . -5.67 12.56 -16.46
O2 SO4 H . -5.43 12.98 -18.81
O3 SO4 H . -5.40 14.79 -17.24
O4 SO4 H . -3.57 13.26 -17.31
#